data_9BZC
#
_entry.id   9BZC
#
_cell.length_a   99.864
_cell.length_b   47.673
_cell.length_c   74.110
_cell.angle_alpha   90.00
_cell.angle_beta   129.26
_cell.angle_gamma   90.00
#
_symmetry.space_group_name_H-M   'C 1 2 1'
#
loop_
_entity.id
_entity.type
_entity.pdbx_description
1 polymer 'RNA (87-MER)'
2 non-polymer 'CESIUM ION'
3 non-polymer 'MAGNESIUM ION'
4 non-polymer 'AMINOIMIDAZOLE 4-CARBOXAMIDE RIBONUCLEOTIDE'
5 non-polymer 'POTASSIUM ION'
6 water water
#
_entity_poly.entity_id   1
_entity_poly.type   'polyribonucleotide'
_entity_poly.pdbx_seq_one_letter_code
;UAGUCAUAUGACUGACGGAAGUGGAGUUACCACAUGAAGUAUGACUAGGCAUAUUAUCUUAUAUGCCACAAAAAGCCGAC
CGUCUGGGC
;
_entity_poly.pdbx_strand_id   A
#